data_2BS0
#
_entry.id   2BS0
#
_cell.length_a   274.200
_cell.length_b   273.000
_cell.length_c   273.900
_cell.angle_alpha   63.06
_cell.angle_beta   62.98
_cell.angle_gamma   63.28
#
_symmetry.space_group_name_H-M   'P 1'
#
loop_
_entity.id
_entity.type
_entity.pdbx_description
1 polymer 'COAT PROTEIN'
2 polymer "5'-R(*AP*UP*GP*CP*AP*UP*GP*UP*CP*UP *AP*AP*GP*AP*CP*UP*GP*CP*AP*U)-3'"
3 water water
#
loop_
_entity_poly.entity_id
_entity_poly.type
_entity_poly.pdbx_seq_one_letter_code
_entity_poly.pdbx_strand_id
1 'polypeptide(L)'
;ASNFTQFVLVDNGGTGDVTVAPSNFANGVAEWISSNSRSQAYKVTCSVRQSSAQNRKYTIKVEVPKVATQTVGGVELPVA
AWRSYLAMKLTIPIFATNSDCELIVKAMQGLLKDGNPIPSAIAANSGIY
;
A,B,C
2 'polyribonucleotide' AUGCAUGUCUAAGACUGCAU R,S
#
loop_
_chem_comp.id
_chem_comp.type
_chem_comp.name
_chem_comp.formula
A RNA linking ADENOSINE-5'-MONOPHOSPHATE 'C10 H14 N5 O7 P'
C RNA linking CYTIDINE-5'-MONOPHOSPHATE 'C9 H14 N3 O8 P'
G RNA linking GUANOSINE-5'-MONOPHOSPHATE 'C10 H14 N5 O8 P'
U RNA linking URIDINE-5'-MONOPHOSPHATE 'C9 H13 N2 O9 P'
#
# COMPACT_ATOMS: atom_id res chain seq x y z
N ALA A 1 -16.21 8.39 -1.20
CA ALA A 1 -15.91 7.94 0.21
C ALA A 1 -14.42 8.09 0.54
N SER A 2 -13.61 7.35 -0.19
CA SER A 2 -12.14 7.29 -0.06
C SER A 2 -11.79 6.09 0.78
N ASN A 3 -11.22 5.09 0.15
CA ASN A 3 -10.84 3.88 0.84
C ASN A 3 -9.41 3.92 1.32
N PHE A 4 -8.69 5.00 1.03
CA PHE A 4 -7.30 5.10 1.45
C PHE A 4 -7.26 5.54 2.91
N THR A 5 -7.59 4.61 3.80
CA THR A 5 -7.62 4.89 5.23
C THR A 5 -6.69 3.97 6.00
N GLN A 6 -6.37 4.34 7.24
CA GLN A 6 -5.50 3.49 8.04
C GLN A 6 -6.35 2.35 8.59
N PHE A 7 -5.69 1.24 8.94
CA PHE A 7 -6.39 0.08 9.49
C PHE A 7 -5.43 -0.71 10.36
N VAL A 8 -5.98 -1.55 11.23
CA VAL A 8 -5.15 -2.37 12.09
C VAL A 8 -4.80 -3.66 11.34
N LEU A 9 -3.50 -3.83 11.10
CA LEU A 9 -2.98 -4.98 10.38
C LEU A 9 -2.91 -6.21 11.28
N VAL A 10 -2.38 -6.03 12.49
CA VAL A 10 -2.27 -7.12 13.44
C VAL A 10 -3.13 -6.79 14.65
N ASP A 11 -4.20 -7.55 14.83
CA ASP A 11 -5.08 -7.32 15.96
C ASP A 11 -4.76 -8.22 17.15
N ASN A 12 -4.43 -7.60 18.28
CA ASN A 12 -4.13 -8.31 19.51
C ASN A 12 -5.08 -7.84 20.60
N GLY A 13 -6.30 -7.48 20.18
CA GLY A 13 -7.31 -7.02 21.12
C GLY A 13 -7.00 -5.68 21.76
N GLY A 14 -7.32 -4.61 21.04
CA GLY A 14 -7.10 -3.26 21.56
C GLY A 14 -5.68 -2.78 21.87
N THR A 15 -4.94 -3.55 22.67
CA THR A 15 -3.57 -3.16 23.03
C THR A 15 -2.50 -4.12 22.50
N GLY A 16 -1.48 -3.54 21.87
CA GLY A 16 -0.41 -4.34 21.29
C GLY A 16 -0.67 -4.48 19.80
N ASP A 17 -1.72 -3.81 19.36
CA ASP A 17 -2.16 -3.82 17.96
C ASP A 17 -1.16 -3.14 17.03
N VAL A 18 -0.93 -3.73 15.86
CA VAL A 18 -0.05 -3.13 14.87
C VAL A 18 -0.98 -2.45 13.87
N THR A 19 -0.99 -1.13 13.89
CA THR A 19 -1.84 -0.38 12.98
C THR A 19 -0.96 0.29 11.91
N VAL A 20 -1.48 0.31 10.69
CA VAL A 20 -0.76 0.85 9.53
C VAL A 20 -1.53 2.02 8.90
N ALA A 21 -0.82 3.05 8.45
CA ALA A 21 -1.49 4.23 7.86
C ALA A 21 -1.00 4.70 6.49
N PRO A 22 -1.88 5.34 5.71
CA PRO A 22 -1.55 5.85 4.37
C PRO A 22 -0.28 6.68 4.44
N SER A 23 0.67 6.41 3.56
CA SER A 23 1.95 7.13 3.59
C SER A 23 2.51 7.55 2.23
N ASN A 24 1.92 7.07 1.14
CA ASN A 24 2.42 7.44 -0.17
C ASN A 24 1.54 6.88 -1.28
N PHE A 25 1.46 7.59 -2.39
CA PHE A 25 0.68 7.12 -3.54
C PHE A 25 1.43 7.47 -4.82
N ALA A 26 2.72 7.74 -4.68
CA ALA A 26 3.55 8.10 -5.83
C ALA A 26 3.61 6.94 -6.82
N ASN A 27 3.51 7.29 -8.10
CA ASN A 27 3.56 6.32 -9.17
C ASN A 27 2.46 5.27 -9.15
N GLY A 28 1.30 5.64 -8.63
CA GLY A 28 0.17 4.72 -8.60
C GLY A 28 0.25 3.54 -7.66
N VAL A 29 1.20 3.54 -6.74
CA VAL A 29 1.30 2.44 -5.79
C VAL A 29 0.93 2.98 -4.42
N ALA A 30 -0.21 2.53 -3.89
CA ALA A 30 -0.66 2.98 -2.58
C ALA A 30 0.19 2.31 -1.50
N GLU A 31 0.69 3.11 -0.56
CA GLU A 31 1.53 2.58 0.51
C GLU A 31 1.04 2.94 1.90
N TRP A 32 1.19 2.00 2.82
CA TRP A 32 0.80 2.18 4.21
C TRP A 32 2.00 1.72 5.02
N ILE A 33 2.36 2.44 6.08
CA ILE A 33 3.44 1.95 6.93
C ILE A 33 3.08 2.21 8.38
N SER A 34 3.64 1.41 9.28
CA SER A 34 3.38 1.57 10.69
C SER A 34 4.16 2.77 11.20
N SER A 35 3.80 3.25 12.39
CA SER A 35 4.45 4.41 12.97
C SER A 35 5.82 4.09 13.57
N ASN A 36 6.79 3.76 12.74
CA ASN A 36 8.13 3.45 13.22
C ASN A 36 9.17 4.12 12.34
N SER A 37 10.44 3.81 12.61
CA SER A 37 11.50 4.34 11.79
C SER A 37 11.31 3.54 10.50
N ARG A 38 11.58 4.18 9.38
CA ARG A 38 11.42 3.55 8.09
C ARG A 38 12.10 2.17 8.06
N SER A 39 13.15 2.01 8.85
CA SER A 39 13.90 0.75 8.89
C SER A 39 13.26 -0.38 9.71
N GLN A 40 12.26 -0.06 10.52
CA GLN A 40 11.60 -1.08 11.34
C GLN A 40 10.11 -1.15 11.07
N ALA A 41 9.63 -0.32 10.17
CA ALA A 41 8.21 -0.27 9.90
C ALA A 41 7.60 -1.45 9.17
N TYR A 42 6.35 -1.72 9.50
CA TYR A 42 5.58 -2.75 8.81
C TYR A 42 5.17 -2.00 7.55
N LYS A 43 5.10 -2.68 6.41
CA LYS A 43 4.70 -1.99 5.20
C LYS A 43 3.68 -2.77 4.38
N VAL A 44 2.77 -2.04 3.75
CA VAL A 44 1.73 -2.63 2.89
C VAL A 44 1.60 -1.78 1.64
N THR A 45 1.56 -2.44 0.47
CA THR A 45 1.43 -1.73 -0.80
C THR A 45 0.40 -2.39 -1.69
N CYS A 46 -0.26 -1.57 -2.50
CA CYS A 46 -1.30 -2.07 -3.38
C CYS A 46 -1.39 -1.27 -4.67
N SER A 47 -1.70 -1.96 -5.77
CA SER A 47 -1.84 -1.32 -7.06
C SER A 47 -2.72 -2.17 -7.97
N VAL A 48 -3.42 -1.54 -8.91
CA VAL A 48 -4.28 -2.27 -9.85
C VAL A 48 -3.88 -1.87 -11.24
N ARG A 49 -4.05 -2.79 -12.17
CA ARG A 49 -3.66 -2.54 -13.54
C ARG A 49 -4.53 -3.35 -14.50
N GLN A 50 -4.84 -2.78 -15.65
CA GLN A 50 -5.64 -3.47 -16.65
C GLN A 50 -4.67 -4.31 -17.48
N SER A 51 -4.12 -5.35 -16.85
CA SER A 51 -3.14 -6.26 -17.45
C SER A 51 -3.37 -6.72 -18.90
N SER A 52 -4.47 -7.42 -19.13
CA SER A 52 -4.80 -7.90 -20.46
C SER A 52 -5.80 -6.93 -21.07
N ALA A 53 -6.32 -7.33 -22.22
CA ALA A 53 -7.33 -6.53 -22.87
C ALA A 53 -8.62 -6.78 -22.08
N GLN A 54 -8.71 -7.94 -21.40
CA GLN A 54 -9.91 -8.26 -20.64
C GLN A 54 -9.69 -8.74 -19.21
N ASN A 55 -8.60 -8.27 -18.60
CA ASN A 55 -8.23 -8.62 -17.23
C ASN A 55 -7.73 -7.43 -16.44
N ARG A 56 -7.90 -7.50 -15.14
CA ARG A 56 -7.40 -6.48 -14.25
C ARG A 56 -6.58 -7.27 -13.24
N LYS A 57 -5.43 -6.74 -12.85
CA LYS A 57 -4.58 -7.44 -11.90
C LYS A 57 -4.21 -6.58 -10.71
N TYR A 58 -4.47 -7.10 -9.51
CA TYR A 58 -4.12 -6.41 -8.28
C TYR A 58 -2.79 -6.95 -7.79
N THR A 59 -1.92 -6.06 -7.35
CA THR A 59 -0.63 -6.50 -6.81
C THR A 59 -0.54 -5.97 -5.39
N ILE A 60 -0.52 -6.90 -4.44
CA ILE A 60 -0.49 -6.55 -3.03
C ILE A 60 0.73 -7.15 -2.35
N LYS A 61 1.37 -6.36 -1.48
CA LYS A 61 2.55 -6.80 -0.75
C LYS A 61 2.50 -6.38 0.71
N VAL A 62 3.01 -7.25 1.59
CA VAL A 62 3.06 -6.94 3.00
C VAL A 62 4.44 -7.32 3.52
N GLU A 63 5.03 -6.45 4.34
CA GLU A 63 6.34 -6.69 4.92
C GLU A 63 6.23 -6.71 6.44
N VAL A 64 6.52 -7.86 7.04
CA VAL A 64 6.47 -8.00 8.49
C VAL A 64 7.90 -8.12 9.01
N PRO A 65 8.35 -7.13 9.81
CA PRO A 65 9.70 -7.14 10.36
C PRO A 65 9.88 -7.73 11.75
N LYS A 66 11.11 -8.19 12.02
CA LYS A 66 11.49 -8.72 13.32
C LYS A 66 12.46 -7.64 13.81
N VAL A 67 11.96 -6.71 14.60
CA VAL A 67 12.79 -5.61 15.08
C VAL A 67 13.92 -6.03 16.00
N ALA A 68 15.02 -5.29 15.92
CA ALA A 68 16.21 -5.54 16.74
C ALA A 68 17.04 -4.26 16.81
N THR A 69 18.03 -4.26 17.69
CA THR A 69 18.91 -3.11 17.85
C THR A 69 20.32 -3.57 17.48
N GLN A 70 20.90 -2.98 16.45
CA GLN A 70 22.21 -3.38 16.02
C GLN A 70 23.29 -2.34 16.28
N THR A 71 24.45 -2.83 16.72
CA THR A 71 25.59 -1.96 17.00
C THR A 71 26.50 -1.90 15.78
N VAL A 72 26.55 -0.73 15.16
CA VAL A 72 27.36 -0.51 13.97
C VAL A 72 28.40 0.57 14.26
N GLY A 73 29.66 0.16 14.35
CA GLY A 73 30.71 1.13 14.64
C GLY A 73 30.60 1.70 16.04
N GLY A 74 30.26 0.84 17.00
CA GLY A 74 30.14 1.29 18.37
C GLY A 74 28.86 2.04 18.69
N VAL A 75 28.01 2.24 17.69
CA VAL A 75 26.76 2.95 17.90
C VAL A 75 25.55 2.07 17.63
N GLU A 76 24.53 2.16 18.49
CA GLU A 76 23.33 1.35 18.33
C GLU A 76 22.28 2.02 17.44
N LEU A 77 21.75 1.23 16.51
CA LEU A 77 20.75 1.69 15.56
C LEU A 77 19.53 0.77 15.53
N PRO A 78 18.34 1.33 15.26
CA PRO A 78 17.10 0.54 15.19
C PRO A 78 17.02 -0.15 13.82
N VAL A 79 16.98 -1.48 13.82
CA VAL A 79 16.94 -2.22 12.57
C VAL A 79 15.95 -3.38 12.61
N ALA A 80 15.90 -4.12 11.51
CA ALA A 80 15.04 -5.30 11.44
C ALA A 80 15.99 -6.48 11.26
N ALA A 81 15.98 -7.42 12.20
CA ALA A 81 16.85 -8.59 12.12
C ALA A 81 16.59 -9.29 10.79
N TRP A 82 15.33 -9.30 10.39
CA TRP A 82 14.91 -9.91 9.13
C TRP A 82 13.48 -9.51 8.83
N ARG A 83 13.05 -9.77 7.61
CA ARG A 83 11.70 -9.44 7.20
C ARG A 83 11.01 -10.61 6.51
N SER A 84 9.71 -10.71 6.75
CA SER A 84 8.90 -11.74 6.14
C SER A 84 8.15 -11.01 5.02
N TYR A 85 8.00 -11.65 3.86
CA TYR A 85 7.33 -11.01 2.72
C TYR A 85 6.12 -11.75 2.17
N LEU A 86 5.00 -11.04 2.05
CA LEU A 86 3.81 -11.62 1.45
C LEU A 86 3.60 -10.91 0.13
N ALA A 87 3.48 -11.68 -0.95
CA ALA A 87 3.27 -11.09 -2.27
C ALA A 87 2.15 -11.82 -2.98
N MET A 88 1.07 -11.11 -3.28
CA MET A 88 -0.03 -11.76 -3.96
C MET A 88 -0.49 -11.01 -5.22
N LYS A 89 -0.79 -11.78 -6.25
CA LYS A 89 -1.26 -11.28 -7.52
C LYS A 89 -2.68 -11.82 -7.68
N LEU A 90 -3.62 -10.95 -8.02
CA LEU A 90 -5.01 -11.35 -8.19
C LEU A 90 -5.52 -10.92 -9.55
N THR A 91 -5.91 -11.87 -10.39
CA THR A 91 -6.41 -11.54 -11.71
C THR A 91 -7.91 -11.78 -11.84
N ILE A 92 -8.63 -10.71 -12.14
CA ILE A 92 -10.08 -10.75 -12.26
C ILE A 92 -10.55 -10.33 -13.65
N PRO A 93 -11.39 -11.15 -14.27
CA PRO A 93 -11.90 -10.80 -15.61
C PRO A 93 -12.79 -9.54 -15.53
N ILE A 94 -12.75 -8.71 -16.56
CA ILE A 94 -13.55 -7.49 -16.58
C ILE A 94 -15.06 -7.75 -16.52
N PHE A 95 -15.45 -8.99 -16.79
CA PHE A 95 -16.86 -9.38 -16.78
C PHE A 95 -17.40 -9.69 -15.39
N ALA A 96 -16.52 -9.65 -14.38
CA ALA A 96 -16.90 -9.90 -12.99
C ALA A 96 -17.69 -8.73 -12.42
N THR A 97 -18.89 -9.03 -11.93
CA THR A 97 -19.73 -8.00 -11.34
C THR A 97 -19.26 -7.77 -9.90
N ASN A 98 -19.84 -6.80 -9.21
CA ASN A 98 -19.44 -6.54 -7.83
C ASN A 98 -19.66 -7.75 -6.94
N SER A 99 -20.77 -8.45 -7.14
CA SER A 99 -21.06 -9.62 -6.33
C SER A 99 -20.03 -10.72 -6.63
N ASP A 100 -19.56 -10.80 -7.88
CA ASP A 100 -18.56 -11.79 -8.26
C ASP A 100 -17.27 -11.51 -7.48
N CYS A 101 -16.96 -10.22 -7.33
CA CYS A 101 -15.77 -9.80 -6.62
C CYS A 101 -15.87 -10.02 -5.12
N GLU A 102 -17.08 -9.84 -4.58
CA GLU A 102 -17.31 -10.05 -3.16
C GLU A 102 -17.04 -11.51 -2.84
N LEU A 103 -17.35 -12.36 -3.81
CA LEU A 103 -17.16 -13.80 -3.71
C LEU A 103 -15.67 -14.12 -3.55
N ILE A 104 -14.84 -13.38 -4.28
CA ILE A 104 -13.39 -13.56 -4.24
C ILE A 104 -12.84 -13.14 -2.88
N VAL A 105 -13.30 -11.99 -2.39
CA VAL A 105 -12.85 -11.50 -1.09
C VAL A 105 -13.21 -12.52 0.00
N LYS A 106 -14.45 -13.01 -0.03
CA LYS A 106 -14.89 -13.99 0.95
C LYS A 106 -14.04 -15.25 0.88
N ALA A 107 -13.68 -15.67 -0.33
CA ALA A 107 -12.85 -16.87 -0.49
C ALA A 107 -11.51 -16.63 0.17
N MET A 108 -10.93 -15.45 -0.05
CA MET A 108 -9.64 -15.15 0.53
C MET A 108 -9.70 -15.07 2.05
N GLN A 109 -10.83 -14.62 2.58
CA GLN A 109 -10.98 -14.53 4.03
C GLN A 109 -11.14 -15.91 4.63
N GLY A 110 -11.88 -16.78 3.94
CA GLY A 110 -12.07 -18.14 4.45
C GLY A 110 -10.80 -18.94 4.40
N LEU A 111 -9.96 -18.65 3.42
CA LEU A 111 -8.68 -19.34 3.23
C LEU A 111 -7.76 -19.16 4.44
N LEU A 112 -7.82 -17.98 5.05
CA LEU A 112 -6.96 -17.65 6.19
C LEU A 112 -7.61 -17.63 7.56
N LYS A 113 -8.87 -18.02 7.65
CA LYS A 113 -9.57 -18.02 8.93
C LYS A 113 -8.97 -19.01 9.93
N ASP A 114 -8.85 -18.61 11.19
CA ASP A 114 -8.29 -19.49 12.21
C ASP A 114 -8.98 -20.83 12.25
N GLY A 115 -8.18 -21.89 12.39
CA GLY A 115 -8.74 -23.22 12.45
C GLY A 115 -8.64 -23.94 11.12
N ASN A 116 -8.67 -23.19 10.02
CA ASN A 116 -8.60 -23.82 8.70
C ASN A 116 -7.18 -24.31 8.42
N PRO A 117 -7.05 -25.32 7.53
CA PRO A 117 -5.77 -25.93 7.14
C PRO A 117 -4.54 -25.03 6.94
N ILE A 118 -4.59 -24.14 5.97
CA ILE A 118 -3.45 -23.27 5.66
C ILE A 118 -2.89 -22.37 6.77
N PRO A 119 -3.74 -21.52 7.38
CA PRO A 119 -3.16 -20.67 8.43
C PRO A 119 -2.62 -21.51 9.61
N SER A 120 -3.15 -22.71 9.77
CA SER A 120 -2.70 -23.60 10.84
C SER A 120 -1.33 -24.18 10.56
N ALA A 121 -1.07 -24.52 9.30
CA ALA A 121 0.22 -25.08 8.92
C ALA A 121 1.29 -23.99 9.00
N ILE A 122 0.97 -22.80 8.49
CA ILE A 122 1.90 -21.69 8.51
C ILE A 122 2.32 -21.35 9.94
N ALA A 123 1.34 -21.23 10.83
CA ALA A 123 1.60 -20.88 12.23
C ALA A 123 2.38 -21.93 13.01
N ALA A 124 2.52 -23.12 12.46
CA ALA A 124 3.24 -24.17 13.15
C ALA A 124 4.52 -24.58 12.41
N ASN A 125 4.98 -23.74 11.47
CA ASN A 125 6.18 -24.06 10.71
C ASN A 125 6.02 -25.46 10.13
N SER A 126 4.88 -25.70 9.50
CA SER A 126 4.55 -27.00 8.94
C SER A 126 3.98 -26.94 7.53
N GLY A 127 3.82 -28.11 6.91
CA GLY A 127 3.24 -28.19 5.59
C GLY A 127 1.87 -28.84 5.74
N ILE A 128 1.14 -29.02 4.65
CA ILE A 128 -0.17 -29.67 4.75
C ILE A 128 0.02 -31.16 4.52
N TYR A 129 -0.56 -31.97 5.38
CA TYR A 129 -0.47 -33.42 5.24
C TYR A 129 -1.61 -34.10 5.98
N ALA B 1 -0.88 -31.18 12.56
CA ALA B 1 -0.96 -32.52 13.22
C ALA B 1 -1.81 -33.48 12.37
N SER B 2 -2.02 -33.09 11.12
CA SER B 2 -2.80 -33.80 10.09
C SER B 2 -3.89 -32.81 9.78
N ASN B 3 -3.53 -31.83 8.96
CA ASN B 3 -4.41 -30.74 8.61
C ASN B 3 -5.01 -30.77 7.21
N PHE B 4 -4.76 -31.84 6.45
CA PHE B 4 -5.31 -31.90 5.10
C PHE B 4 -6.76 -32.35 5.12
N THR B 5 -7.63 -31.42 5.51
CA THR B 5 -9.06 -31.72 5.60
C THR B 5 -9.93 -30.70 4.90
N GLN B 6 -11.20 -31.07 4.76
CA GLN B 6 -12.20 -30.24 4.13
C GLN B 6 -12.45 -28.99 4.99
N PHE B 7 -12.74 -27.86 4.34
CA PHE B 7 -13.03 -26.63 5.07
C PHE B 7 -13.94 -25.70 4.26
N VAL B 8 -14.54 -24.74 4.95
CA VAL B 8 -15.43 -23.78 4.31
C VAL B 8 -14.61 -22.65 3.72
N LEU B 9 -14.64 -22.54 2.40
CA LEU B 9 -13.89 -21.50 1.71
C LEU B 9 -14.69 -20.21 1.68
N VAL B 10 -15.99 -20.32 1.38
CA VAL B 10 -16.86 -19.15 1.33
C VAL B 10 -17.98 -19.33 2.35
N ASP B 11 -17.98 -18.49 3.37
CA ASP B 11 -19.00 -18.58 4.39
C ASP B 11 -20.14 -17.59 4.22
N ASN B 12 -21.37 -18.13 4.24
CA ASN B 12 -22.58 -17.33 4.11
C ASN B 12 -23.55 -17.66 5.24
N GLY B 13 -23.00 -17.97 6.41
CA GLY B 13 -23.81 -18.29 7.56
C GLY B 13 -24.54 -19.63 7.50
N GLY B 14 -23.79 -20.70 7.26
CA GLY B 14 -24.38 -22.03 7.19
C GLY B 14 -25.09 -22.40 5.90
N THR B 15 -25.98 -21.53 5.44
CA THR B 15 -26.76 -21.78 4.23
C THR B 15 -26.19 -21.10 2.97
N GLY B 16 -25.77 -21.90 2.01
CA GLY B 16 -25.21 -21.36 0.78
C GLY B 16 -23.70 -21.27 0.85
N ASP B 17 -23.12 -21.96 1.83
CA ASP B 17 -21.68 -21.98 2.03
C ASP B 17 -20.98 -22.77 0.92
N VAL B 18 -19.74 -22.40 0.64
CA VAL B 18 -18.98 -23.13 -0.36
C VAL B 18 -17.89 -23.91 0.37
N THR B 19 -17.98 -25.23 0.29
CA THR B 19 -17.02 -26.11 0.93
C THR B 19 -16.00 -26.60 -0.08
N VAL B 20 -14.78 -26.80 0.38
CA VAL B 20 -13.72 -27.25 -0.49
C VAL B 20 -13.06 -28.47 0.17
N ALA B 21 -12.94 -29.56 -0.57
CA ALA B 21 -12.40 -30.82 -0.03
C ALA B 21 -11.16 -31.37 -0.72
N PRO B 22 -10.33 -32.14 0.03
CA PRO B 22 -9.10 -32.75 -0.52
C PRO B 22 -9.41 -33.46 -1.83
N SER B 23 -8.60 -33.20 -2.85
CA SER B 23 -8.80 -33.81 -4.14
C SER B 23 -7.53 -34.32 -4.79
N ASN B 24 -6.38 -33.98 -4.21
CA ASN B 24 -5.11 -34.46 -4.76
C ASN B 24 -3.94 -34.15 -3.86
N PHE B 25 -2.96 -35.05 -3.83
CA PHE B 25 -1.77 -34.84 -3.01
C PHE B 25 -0.52 -35.27 -3.78
N ALA B 26 -0.63 -35.31 -5.11
CA ALA B 26 0.48 -35.68 -5.95
C ALA B 26 1.60 -34.66 -5.77
N ASN B 27 2.83 -35.16 -5.63
CA ASN B 27 4.00 -34.33 -5.45
C ASN B 27 4.06 -33.57 -4.14
N GLY B 28 3.21 -33.95 -3.19
CA GLY B 28 3.20 -33.29 -1.90
C GLY B 28 2.46 -31.96 -1.92
N VAL B 29 1.79 -31.67 -3.03
CA VAL B 29 1.04 -30.43 -3.15
C VAL B 29 -0.41 -30.71 -2.82
N ALA B 30 -0.90 -30.12 -1.74
CA ALA B 30 -2.27 -30.33 -1.32
C ALA B 30 -3.24 -29.58 -2.22
N GLU B 31 -4.28 -30.27 -2.68
CA GLU B 31 -5.28 -29.66 -3.53
C GLU B 31 -6.68 -29.88 -2.96
N TRP B 32 -7.50 -28.84 -3.03
CA TRP B 32 -8.88 -28.88 -2.55
C TRP B 32 -9.75 -28.35 -3.67
N ILE B 33 -10.94 -28.92 -3.87
CA ILE B 33 -11.86 -28.39 -4.87
C ILE B 33 -13.29 -28.53 -4.40
N SER B 34 -14.16 -27.68 -4.95
CA SER B 34 -15.57 -27.74 -4.61
C SER B 34 -16.21 -28.80 -5.47
N SER B 35 -17.47 -29.10 -5.20
CA SER B 35 -18.22 -30.12 -5.92
C SER B 35 -18.79 -29.55 -7.23
N ASN B 36 -17.93 -29.36 -8.22
CA ASN B 36 -18.33 -28.82 -9.51
C ASN B 36 -17.51 -29.48 -10.60
N SER B 37 -17.70 -29.03 -11.83
CA SER B 37 -16.90 -29.54 -12.94
C SER B 37 -15.62 -28.73 -12.72
N ARG B 38 -14.47 -29.25 -13.13
CA ARG B 38 -13.24 -28.50 -12.89
C ARG B 38 -13.17 -27.13 -13.56
N SER B 39 -14.04 -26.90 -14.53
CA SER B 39 -14.05 -25.62 -15.22
C SER B 39 -14.83 -24.56 -14.42
N GLN B 40 -15.67 -25.01 -13.49
CA GLN B 40 -16.47 -24.08 -12.68
C GLN B 40 -16.21 -24.20 -11.19
N ALA B 41 -15.28 -25.06 -10.81
CA ALA B 41 -15.01 -25.27 -9.39
C ALA B 41 -14.16 -24.22 -8.70
N TYR B 42 -14.19 -24.25 -7.37
CA TYR B 42 -13.37 -23.39 -6.55
C TYR B 42 -12.18 -24.29 -6.28
N LYS B 43 -10.97 -23.79 -6.50
CA LYS B 43 -9.80 -24.62 -6.25
C LYS B 43 -8.76 -23.96 -5.37
N VAL B 44 -8.16 -24.75 -4.48
CA VAL B 44 -7.13 -24.25 -3.58
C VAL B 44 -5.96 -25.23 -3.56
N THR B 45 -4.73 -24.72 -3.68
CA THR B 45 -3.55 -25.58 -3.63
C THR B 45 -2.53 -24.91 -2.72
N CYS B 46 -1.71 -25.73 -2.06
CA CYS B 46 -0.72 -25.20 -1.14
C CYS B 46 0.53 -26.10 -1.01
N SER B 47 1.68 -25.48 -0.82
CA SER B 47 2.94 -26.21 -0.64
C SER B 47 4.03 -25.31 -0.10
N VAL B 48 4.99 -25.93 0.61
CA VAL B 48 6.11 -25.20 1.19
C VAL B 48 7.39 -25.86 0.78
N ARG B 49 8.45 -25.08 0.71
CA ARG B 49 9.77 -25.60 0.38
C ARG B 49 10.76 -24.54 0.82
N GLN B 50 12.03 -24.92 0.95
CA GLN B 50 13.01 -23.93 1.33
C GLN B 50 13.48 -23.32 0.02
N SER B 51 13.13 -22.06 -0.18
CA SER B 51 13.47 -21.34 -1.40
C SER B 51 14.93 -20.91 -1.48
N SER B 52 15.57 -20.76 -0.33
CA SER B 52 16.97 -20.36 -0.30
C SER B 52 17.59 -20.73 1.04
N ALA B 53 18.86 -20.39 1.21
CA ALA B 53 19.58 -20.69 2.42
C ALA B 53 18.93 -20.15 3.68
N GLN B 54 18.43 -18.93 3.61
CA GLN B 54 17.82 -18.29 4.77
C GLN B 54 16.29 -18.26 4.79
N ASN B 55 15.65 -18.67 3.70
CA ASN B 55 14.20 -18.60 3.64
C ASN B 55 13.42 -19.85 3.25
N ARG B 56 12.20 -19.91 3.74
CA ARG B 56 11.26 -20.97 3.39
C ARG B 56 10.20 -20.18 2.64
N LYS B 57 9.45 -20.85 1.77
CA LYS B 57 8.43 -20.14 1.02
C LYS B 57 7.16 -20.96 0.79
N TYR B 58 6.02 -20.39 1.18
CA TYR B 58 4.74 -21.04 0.97
C TYR B 58 4.17 -20.53 -0.35
N THR B 59 3.59 -21.42 -1.14
CA THR B 59 3.00 -21.02 -2.41
C THR B 59 1.55 -21.46 -2.37
N ILE B 60 0.66 -20.48 -2.26
CA ILE B 60 -0.76 -20.76 -2.18
C ILE B 60 -1.50 -20.19 -3.39
N LYS B 61 -2.33 -21.02 -4.00
CA LYS B 61 -3.11 -20.59 -5.16
C LYS B 61 -4.58 -20.87 -4.99
N VAL B 62 -5.40 -19.96 -5.51
CA VAL B 62 -6.85 -20.09 -5.43
C VAL B 62 -7.48 -19.70 -6.76
N GLU B 63 -8.53 -20.42 -7.15
CA GLU B 63 -9.26 -20.15 -8.38
C GLU B 63 -10.72 -19.97 -8.00
N VAL B 64 -11.31 -18.84 -8.39
CA VAL B 64 -12.72 -18.56 -8.08
C VAL B 64 -13.50 -18.35 -9.36
N PRO B 65 -14.64 -19.05 -9.50
CA PRO B 65 -15.49 -18.94 -10.70
C PRO B 65 -16.35 -17.69 -10.75
N LYS B 66 -16.58 -17.17 -11.96
CA LYS B 66 -17.46 -16.02 -12.12
C LYS B 66 -18.84 -16.66 -12.03
N VAL B 67 -19.66 -16.22 -11.09
CA VAL B 67 -20.97 -16.82 -10.92
C VAL B 67 -22.15 -16.12 -11.61
N ALA B 68 -22.12 -14.78 -11.69
CA ALA B 68 -23.21 -14.05 -12.34
C ALA B 68 -23.41 -14.50 -13.78
N THR B 69 -24.64 -14.93 -14.10
CA THR B 69 -25.07 -15.42 -15.41
C THR B 69 -24.47 -16.78 -15.81
N GLN B 70 -23.83 -17.41 -14.84
CA GLN B 70 -23.22 -18.72 -15.03
C GLN B 70 -24.28 -19.79 -15.33
N THR B 71 -23.90 -20.80 -16.11
CA THR B 71 -24.80 -21.91 -16.43
C THR B 71 -24.17 -23.16 -15.84
N VAL B 72 -24.70 -23.63 -14.71
CA VAL B 72 -24.14 -24.79 -14.04
C VAL B 72 -23.99 -26.04 -14.89
N GLY B 73 -22.75 -26.50 -15.01
CA GLY B 73 -22.45 -27.69 -15.79
C GLY B 73 -22.29 -27.42 -17.28
N GLY B 74 -22.44 -26.16 -17.69
CA GLY B 74 -22.32 -25.83 -19.10
C GLY B 74 -20.89 -25.59 -19.55
N VAL B 75 -20.70 -25.49 -20.86
CA VAL B 75 -19.38 -25.23 -21.43
C VAL B 75 -19.29 -23.72 -21.63
N GLU B 76 -18.51 -23.03 -20.79
CA GLU B 76 -18.38 -21.58 -20.89
C GLU B 76 -17.01 -21.16 -21.44
N LEU B 77 -17.01 -20.52 -22.60
CA LEU B 77 -15.77 -20.05 -23.23
C LEU B 77 -15.88 -18.56 -23.54
N PRO B 78 -14.76 -17.84 -23.52
CA PRO B 78 -13.39 -18.30 -23.20
C PRO B 78 -13.19 -18.49 -21.71
N VAL B 79 -12.36 -19.46 -21.33
CA VAL B 79 -12.09 -19.74 -19.94
C VAL B 79 -11.63 -18.50 -19.16
N ALA B 80 -10.82 -17.65 -19.81
CA ALA B 80 -10.29 -16.45 -19.18
C ALA B 80 -11.34 -15.42 -18.77
N ALA B 81 -12.54 -15.56 -19.31
CA ALA B 81 -13.62 -14.64 -19.01
C ALA B 81 -14.46 -15.12 -17.82
N TRP B 82 -14.30 -16.39 -17.46
CA TRP B 82 -15.09 -16.95 -16.37
C TRP B 82 -14.35 -17.34 -15.10
N ARG B 83 -13.07 -16.98 -15.01
CA ARG B 83 -12.30 -17.35 -13.82
C ARG B 83 -11.33 -16.31 -13.29
N SER B 84 -11.19 -16.27 -11.98
CA SER B 84 -10.27 -15.35 -11.31
C SER B 84 -9.19 -16.18 -10.66
N TYR B 85 -7.95 -15.69 -10.70
CA TYR B 85 -6.83 -16.41 -10.13
C TYR B 85 -6.06 -15.62 -9.09
N LEU B 86 -5.85 -16.25 -7.93
CA LEU B 86 -5.10 -15.66 -6.84
C LEU B 86 -3.84 -16.47 -6.65
N ALA B 87 -2.70 -15.79 -6.58
CA ALA B 87 -1.43 -16.46 -6.40
C ALA B 87 -0.68 -15.75 -5.27
N MET B 88 -0.50 -16.45 -4.15
CA MET B 88 0.21 -15.89 -3.01
C MET B 88 1.55 -16.56 -2.79
N LYS B 89 2.54 -15.77 -2.41
CA LYS B 89 3.86 -16.29 -2.10
C LYS B 89 4.28 -15.66 -0.78
N LEU B 90 4.46 -16.52 0.22
CA LEU B 90 4.83 -16.08 1.56
C LEU B 90 6.25 -16.54 1.88
N THR B 91 7.17 -15.58 1.97
CA THR B 91 8.56 -15.88 2.28
C THR B 91 8.82 -15.65 3.77
N ILE B 92 9.25 -16.70 4.47
CA ILE B 92 9.52 -16.59 5.90
C ILE B 92 10.93 -17.06 6.22
N PRO B 93 11.76 -16.16 6.80
CA PRO B 93 13.14 -16.47 7.19
C PRO B 93 13.19 -17.68 8.14
N ILE B 94 14.22 -18.50 8.01
CA ILE B 94 14.35 -19.69 8.84
C ILE B 94 14.44 -19.43 10.34
N PHE B 95 14.59 -18.16 10.71
CA PHE B 95 14.71 -17.78 12.12
C PHE B 95 13.37 -17.54 12.80
N ALA B 96 12.29 -17.55 12.01
CA ALA B 96 10.96 -17.31 12.54
C ALA B 96 10.48 -18.45 13.41
N THR B 97 10.06 -18.11 14.63
CA THR B 97 9.54 -19.10 15.57
C THR B 97 8.06 -19.25 15.31
N ASN B 98 7.41 -20.20 15.97
CA ASN B 98 5.98 -20.38 15.79
C ASN B 98 5.25 -19.08 16.12
N SER B 99 5.72 -18.38 17.15
CA SER B 99 5.11 -17.11 17.54
C SER B 99 5.21 -16.08 16.42
N ASP B 100 6.38 -15.99 15.82
CA ASP B 100 6.60 -15.07 14.72
C ASP B 100 5.61 -15.40 13.61
N CYS B 101 5.48 -16.68 13.30
CA CYS B 101 4.57 -17.11 12.25
C CYS B 101 3.11 -16.85 12.56
N GLU B 102 2.74 -16.95 13.84
CA GLU B 102 1.37 -16.67 14.23
C GLU B 102 1.06 -15.21 13.93
N LEU B 103 2.03 -14.34 14.17
CA LEU B 103 1.84 -12.92 13.91
C LEU B 103 1.72 -12.67 12.41
N ILE B 104 2.53 -13.37 11.61
CA ILE B 104 2.49 -13.22 10.17
C ILE B 104 1.09 -13.58 9.67
N VAL B 105 0.51 -14.63 10.27
CA VAL B 105 -0.83 -15.05 9.89
C VAL B 105 -1.83 -13.96 10.24
N LYS B 106 -1.73 -13.41 11.45
CA LYS B 106 -2.63 -12.34 11.87
C LYS B 106 -2.52 -11.16 10.91
N ALA B 107 -1.31 -10.86 10.45
CA ALA B 107 -1.10 -9.74 9.53
C ALA B 107 -1.89 -10.01 8.26
N MET B 108 -1.87 -11.25 7.78
CA MET B 108 -2.60 -11.59 6.57
C MET B 108 -4.11 -11.51 6.78
N GLN B 109 -4.58 -11.92 7.95
CA GLN B 109 -6.00 -11.86 8.26
C GLN B 109 -6.46 -10.41 8.34
N GLY B 110 -5.64 -9.56 8.95
CA GLY B 110 -6.00 -8.16 9.06
C GLY B 110 -6.05 -7.47 7.71
N LEU B 111 -5.14 -7.84 6.82
CA LEU B 111 -5.09 -7.27 5.49
C LEU B 111 -6.41 -7.47 4.75
N LEU B 112 -6.99 -8.66 4.89
CA LEU B 112 -8.22 -9.00 4.20
C LEU B 112 -9.49 -8.89 5.02
N LYS B 113 -9.36 -8.43 6.26
CA LYS B 113 -10.55 -8.31 7.11
C LYS B 113 -11.58 -7.38 6.50
N ASP B 114 -12.83 -7.77 6.63
CA ASP B 114 -13.95 -7.01 6.12
C ASP B 114 -13.95 -5.58 6.62
N GLY B 115 -14.04 -4.62 5.70
CA GLY B 115 -14.05 -3.22 6.09
C GLY B 115 -12.74 -2.48 5.88
N ASN B 116 -11.65 -3.21 5.70
CA ASN B 116 -10.36 -2.57 5.46
C ASN B 116 -10.18 -2.21 3.99
N PRO B 117 -9.26 -1.28 3.69
CA PRO B 117 -8.95 -0.80 2.33
C PRO B 117 -8.86 -1.80 1.17
N ILE B 118 -7.91 -2.74 1.24
CA ILE B 118 -7.71 -3.73 0.18
C ILE B 118 -8.97 -4.52 -0.20
N PRO B 119 -9.61 -5.23 0.76
CA PRO B 119 -10.80 -5.97 0.36
C PRO B 119 -11.95 -5.09 -0.13
N SER B 120 -12.04 -3.87 0.40
CA SER B 120 -13.09 -2.95 0.00
C SER B 120 -12.89 -2.49 -1.44
N ALA B 121 -11.64 -2.30 -1.83
CA ALA B 121 -11.33 -1.87 -3.19
C ALA B 121 -11.66 -3.01 -4.15
N ILE B 122 -11.14 -4.20 -3.87
CA ILE B 122 -11.39 -5.36 -4.71
C ILE B 122 -12.88 -5.64 -4.91
N ALA B 123 -13.62 -5.68 -3.81
CA ALA B 123 -15.04 -5.96 -3.84
C ALA B 123 -15.86 -4.93 -4.59
N ALA B 124 -15.30 -3.76 -4.82
CA ALA B 124 -16.00 -2.70 -5.52
C ALA B 124 -15.44 -2.42 -6.92
N ASN B 125 -14.66 -3.35 -7.46
CA ASN B 125 -14.05 -3.15 -8.78
C ASN B 125 -13.30 -1.84 -8.83
N SER B 126 -12.63 -1.48 -7.73
CA SER B 126 -11.91 -0.21 -7.64
C SER B 126 -10.45 -0.33 -7.25
N GLY B 127 -9.77 0.81 -7.32
CA GLY B 127 -8.38 0.89 -6.92
C GLY B 127 -8.42 1.69 -5.63
N ILE B 128 -7.31 2.32 -5.27
CA ILE B 128 -7.29 3.13 -4.06
C ILE B 128 -7.52 4.58 -4.51
N TYR B 129 -8.41 5.29 -3.80
CA TYR B 129 -8.72 6.68 -4.14
C TYR B 129 -9.01 7.53 -2.91
N ALA C 1 -8.29 9.11 3.59
CA ALA C 1 -7.23 10.09 4.03
C ALA C 1 -6.39 10.58 2.84
N SER C 2 -5.81 11.76 3.00
CA SER C 2 -4.99 12.35 1.95
C SER C 2 -4.32 13.63 2.40
N ASN C 3 -3.09 13.84 1.94
CA ASN C 3 -2.38 15.06 2.29
C ASN C 3 -2.15 15.83 0.99
N PHE C 4 -2.74 15.34 -0.09
CA PHE C 4 -2.64 16.01 -1.39
C PHE C 4 -3.91 16.86 -1.46
N THR C 5 -3.94 17.87 -0.61
CA THR C 5 -5.07 18.77 -0.47
C THR C 5 -4.64 20.21 -0.69
N GLN C 6 -5.59 21.13 -0.82
CA GLN C 6 -5.19 22.52 -1.01
C GLN C 6 -4.88 23.14 0.34
N PHE C 7 -3.98 24.12 0.34
CA PHE C 7 -3.60 24.79 1.57
C PHE C 7 -3.22 26.24 1.33
N VAL C 8 -3.14 27.00 2.42
CA VAL C 8 -2.76 28.40 2.35
C VAL C 8 -1.25 28.53 2.29
N LEU C 9 -0.73 29.01 1.17
CA LEU C 9 0.70 29.18 1.00
C LEU C 9 1.14 30.51 1.60
N VAL C 10 0.35 31.55 1.35
CA VAL C 10 0.65 32.88 1.87
C VAL C 10 -0.53 33.36 2.71
N ASP C 11 -0.27 33.66 3.98
CA ASP C 11 -1.31 34.12 4.87
C ASP C 11 -1.26 35.63 5.11
N ASN C 12 -2.33 36.32 4.72
CA ASN C 12 -2.43 37.77 4.90
C ASN C 12 -3.73 38.11 5.63
N GLY C 13 -3.92 37.48 6.79
CA GLY C 13 -5.14 37.71 7.55
C GLY C 13 -6.22 36.76 7.06
N GLY C 14 -7.34 37.31 6.62
CA GLY C 14 -8.41 36.47 6.12
C GLY C 14 -8.48 36.57 4.60
N THR C 15 -8.34 37.80 4.11
CA THR C 15 -8.37 38.08 2.68
C THR C 15 -7.03 38.64 2.20
N GLY C 16 -6.58 38.15 1.05
CA GLY C 16 -5.30 38.54 0.48
C GLY C 16 -4.44 37.31 0.56
N ASP C 17 -5.07 36.23 1.03
CA ASP C 17 -4.45 34.93 1.22
C ASP C 17 -4.20 34.23 -0.10
N VAL C 18 -3.03 33.63 -0.26
CA VAL C 18 -2.72 32.89 -1.48
C VAL C 18 -2.93 31.41 -1.20
N THR C 19 -3.90 30.83 -1.91
CA THR C 19 -4.19 29.42 -1.76
C THR C 19 -3.64 28.67 -2.96
N VAL C 20 -3.17 27.46 -2.70
CA VAL C 20 -2.60 26.64 -3.75
C VAL C 20 -3.35 25.30 -3.73
N ALA C 21 -3.71 24.77 -4.91
CA ALA C 21 -4.46 23.51 -4.96
C ALA C 21 -3.83 22.41 -5.83
N PRO C 22 -4.06 21.13 -5.48
CA PRO C 22 -3.53 19.98 -6.22
C PRO C 22 -3.84 20.07 -7.70
N SER C 23 -2.82 19.92 -8.54
CA SER C 23 -3.03 20.03 -9.98
C SER C 23 -2.52 18.85 -10.78
N ASN C 24 -1.51 18.16 -10.26
CA ASN C 24 -0.94 17.05 -11.01
C ASN C 24 -0.03 16.23 -10.12
N PHE C 25 0.02 14.92 -10.37
CA PHE C 25 0.87 14.04 -9.55
C PHE C 25 1.61 13.05 -10.44
N ALA C 26 2.12 13.52 -11.57
CA ALA C 26 2.83 12.67 -12.50
C ALA C 26 4.25 12.32 -12.06
N ASN C 27 4.58 11.03 -12.22
CA ASN C 27 5.92 10.54 -11.88
C ASN C 27 6.32 10.72 -10.43
N GLY C 28 5.38 10.58 -9.51
CA GLY C 28 5.70 10.73 -8.12
C GLY C 28 6.03 12.16 -7.71
N VAL C 29 5.72 13.13 -8.57
CA VAL C 29 5.96 14.53 -8.25
C VAL C 29 4.63 15.25 -8.06
N ALA C 30 4.33 15.60 -6.82
CA ALA C 30 3.09 16.30 -6.48
C ALA C 30 3.23 17.77 -6.82
N GLU C 31 2.19 18.35 -7.40
CA GLU C 31 2.22 19.75 -7.79
C GLU C 31 0.94 20.49 -7.39
N TRP C 32 1.13 21.68 -6.84
CA TRP C 32 0.03 22.55 -6.40
C TRP C 32 0.17 23.87 -7.19
N ILE C 33 -0.94 24.44 -7.62
CA ILE C 33 -0.93 25.69 -8.38
C ILE C 33 -2.05 26.60 -7.85
N SER C 34 -1.79 27.91 -7.80
CA SER C 34 -2.81 28.84 -7.32
C SER C 34 -3.81 29.08 -8.46
N SER C 35 -4.95 29.69 -8.14
CA SER C 35 -5.97 29.92 -9.16
C SER C 35 -5.69 31.07 -10.13
N ASN C 36 -6.57 31.18 -11.13
CA ASN C 36 -6.50 32.18 -12.19
C ASN C 36 -5.40 31.88 -13.19
N SER C 37 -5.03 32.87 -14.00
CA SER C 37 -4.00 32.69 -15.02
C SER C 37 -2.83 31.85 -14.57
N ARG C 38 -2.64 30.71 -15.24
CA ARG C 38 -1.53 29.83 -14.92
C ARG C 38 -0.25 30.64 -15.03
N SER C 39 -0.24 31.62 -15.92
CA SER C 39 0.92 32.47 -16.13
C SER C 39 1.33 33.32 -14.91
N GLN C 40 0.38 33.59 -14.02
CA GLN C 40 0.65 34.39 -12.83
C GLN C 40 0.48 33.57 -11.56
N ALA C 41 0.41 32.25 -11.70
CA ALA C 41 0.18 31.40 -10.54
C ALA C 41 1.40 31.07 -9.70
N TYR C 42 1.15 30.75 -8.44
CA TYR C 42 2.19 30.34 -7.50
C TYR C 42 2.27 28.83 -7.74
N LYS C 43 3.45 28.26 -7.57
CA LYS C 43 3.62 26.83 -7.79
C LYS C 43 4.41 26.16 -6.66
N VAL C 44 4.00 24.96 -6.30
CA VAL C 44 4.66 24.19 -5.26
C VAL C 44 4.73 22.74 -5.72
N THR C 45 5.90 22.11 -5.59
CA THR C 45 6.04 20.71 -5.96
C THR C 45 6.80 19.97 -4.87
N CYS C 46 6.51 18.69 -4.74
CA CYS C 46 7.15 17.88 -3.71
C CYS C 46 7.27 16.43 -4.14
N SER C 47 8.37 15.78 -3.75
CA SER C 47 8.58 14.37 -4.07
C SER C 47 9.60 13.77 -3.11
N VAL C 48 9.52 12.46 -2.91
CA VAL C 48 10.43 11.75 -2.02
C VAL C 48 10.97 10.55 -2.75
N ARG C 49 12.15 10.10 -2.39
CA ARG C 49 12.72 8.93 -3.00
C ARG C 49 13.87 8.41 -2.17
N GLN C 50 14.12 7.11 -2.27
CA GLN C 50 15.21 6.46 -1.54
C GLN C 50 16.46 6.90 -2.29
N SER C 51 17.18 7.86 -1.73
CA SER C 51 18.38 8.38 -2.39
C SER C 51 19.57 7.45 -2.28
N SER C 52 19.58 6.61 -1.26
CA SER C 52 20.66 5.65 -1.05
C SER C 52 20.12 4.53 -0.21
N ALA C 53 20.98 3.59 0.15
CA ALA C 53 20.58 2.45 0.95
C ALA C 53 20.01 2.88 2.30
N GLN C 54 20.61 3.90 2.90
CA GLN C 54 20.16 4.34 4.21
C GLN C 54 19.52 5.71 4.27
N ASN C 55 19.32 6.34 3.12
CA ASN C 55 18.72 7.66 3.09
C ASN C 55 17.53 7.84 2.17
N ARG C 56 16.59 8.67 2.62
CA ARG C 56 15.43 9.02 1.81
C ARG C 56 15.67 10.50 1.58
N LYS C 57 15.20 11.02 0.46
CA LYS C 57 15.43 12.42 0.14
C LYS C 57 14.21 13.13 -0.40
N TYR C 58 13.90 14.28 0.18
CA TYR C 58 12.77 15.07 -0.27
C TYR C 58 13.27 16.18 -1.17
N THR C 59 12.44 16.56 -2.13
CA THR C 59 12.78 17.65 -3.04
C THR C 59 11.56 18.57 -3.10
N ILE C 60 11.63 19.69 -2.38
CA ILE C 60 10.54 20.65 -2.33
C ILE C 60 10.88 21.86 -3.17
N LYS C 61 9.91 22.38 -3.92
CA LYS C 61 10.15 23.57 -4.73
C LYS C 61 8.98 24.55 -4.69
N VAL C 62 9.30 25.84 -4.65
CA VAL C 62 8.27 26.87 -4.64
C VAL C 62 8.63 27.99 -5.61
N GLU C 63 7.61 28.52 -6.26
CA GLU C 63 7.78 29.61 -7.22
C GLU C 63 6.84 30.74 -6.85
N VAL C 64 7.39 31.92 -6.58
CA VAL C 64 6.58 33.08 -6.24
C VAL C 64 6.70 34.07 -7.39
N PRO C 65 5.57 34.42 -8.03
CA PRO C 65 5.54 35.35 -9.16
C PRO C 65 5.29 36.81 -8.81
N LYS C 66 5.75 37.68 -9.69
CA LYS C 66 5.52 39.11 -9.54
C LYS C 66 4.47 39.42 -10.60
N VAL C 67 3.21 39.45 -10.19
CA VAL C 67 2.11 39.73 -11.09
C VAL C 67 2.27 41.05 -11.84
N ALA C 68 2.02 41.03 -13.14
CA ALA C 68 2.13 42.22 -13.96
C ALA C 68 1.38 42.07 -15.28
N THR C 69 1.29 43.15 -16.03
CA THR C 69 0.62 43.12 -17.33
C THR C 69 1.62 43.43 -18.43
N GLN C 70 1.64 42.58 -19.45
CA GLN C 70 2.55 42.76 -20.55
C GLN C 70 1.81 43.28 -21.76
N THR C 71 2.32 44.35 -22.36
CA THR C 71 1.68 44.91 -23.54
C THR C 71 2.66 44.96 -24.69
N VAL C 72 2.32 44.28 -25.77
CA VAL C 72 3.17 44.23 -26.95
C VAL C 72 2.29 44.41 -28.18
N GLY C 73 2.60 45.41 -28.99
CA GLY C 73 1.81 45.63 -30.19
C GLY C 73 0.39 46.02 -29.84
N GLY C 74 0.19 46.53 -28.63
CA GLY C 74 -1.14 46.94 -28.22
C GLY C 74 -1.96 45.82 -27.62
N VAL C 75 -1.38 44.62 -27.60
CA VAL C 75 -2.07 43.45 -27.04
C VAL C 75 -1.55 43.18 -25.64
N GLU C 76 -2.41 43.17 -24.64
CA GLU C 76 -1.94 42.90 -23.30
C GLU C 76 -2.33 41.52 -22.76
N LEU C 77 -1.42 40.94 -21.98
CA LEU C 77 -1.62 39.62 -21.40
C LEU C 77 -1.23 39.59 -19.94
N PRO C 78 -1.89 38.72 -19.16
CA PRO C 78 -1.56 38.60 -17.73
C PRO C 78 -0.27 37.77 -17.69
N VAL C 79 0.78 38.31 -17.11
CA VAL C 79 2.04 37.57 -17.02
C VAL C 79 2.72 37.78 -15.68
N ALA C 80 3.86 37.13 -15.52
CA ALA C 80 4.65 37.28 -14.31
C ALA C 80 5.85 38.11 -14.77
N ALA C 81 6.02 39.31 -14.22
CA ALA C 81 7.14 40.16 -14.60
C ALA C 81 8.42 39.35 -14.41
N TRP C 82 8.44 38.55 -13.34
CA TRP C 82 9.56 37.68 -13.02
C TRP C 82 9.13 36.74 -11.93
N ARG C 83 9.99 35.78 -11.59
CA ARG C 83 9.66 34.82 -10.55
C ARG C 83 10.83 34.64 -9.59
N SER C 84 10.48 34.28 -8.37
CA SER C 84 11.45 34.02 -7.32
C SER C 84 11.42 32.50 -7.16
N TYR C 85 12.58 31.86 -7.17
CA TYR C 85 12.62 30.40 -7.06
C TYR C 85 13.26 29.83 -5.81
N LEU C 86 12.50 28.99 -5.12
CA LEU C 86 12.99 28.32 -3.92
C LEU C 86 13.09 26.83 -4.22
N ALA C 87 14.21 26.23 -3.87
CA ALA C 87 14.40 24.80 -4.10
C ALA C 87 15.11 24.19 -2.91
N MET C 88 14.52 23.18 -2.28
CA MET C 88 15.19 22.56 -1.16
C MET C 88 15.27 21.04 -1.23
N LYS C 89 16.36 20.52 -0.67
CA LYS C 89 16.65 19.10 -0.62
C LYS C 89 16.77 18.74 0.85
N LEU C 90 16.06 17.70 1.27
CA LEU C 90 16.10 17.27 2.67
C LEU C 90 16.42 15.78 2.74
N THR C 91 17.59 15.44 3.27
CA THR C 91 18.01 14.04 3.38
C THR C 91 17.80 13.53 4.81
N ILE C 92 17.06 12.44 4.95
CA ILE C 92 16.79 11.85 6.26
C ILE C 92 17.05 10.35 6.29
N PRO C 93 17.97 9.91 7.17
CA PRO C 93 18.33 8.49 7.33
C PRO C 93 17.11 7.62 7.64
N ILE C 94 17.12 6.38 7.19
CA ILE C 94 16.00 5.47 7.44
C ILE C 94 15.86 5.08 8.90
N PHE C 95 16.79 5.54 9.74
CA PHE C 95 16.74 5.22 11.16
C PHE C 95 15.90 6.21 11.95
N ALA C 96 15.55 7.32 11.31
CA ALA C 96 14.77 8.36 11.96
C ALA C 96 13.37 7.86 12.31
N THR C 97 13.00 8.06 13.58
CA THR C 97 11.67 7.66 14.05
C THR C 97 10.74 8.83 13.80
N ASN C 98 9.47 8.68 14.08
CA ASN C 98 8.54 9.78 13.87
C ASN C 98 8.93 10.98 14.73
N SER C 99 9.46 10.72 15.92
CA SER C 99 9.88 11.80 16.81
C SER C 99 11.04 12.56 16.21
N ASP C 100 12.00 11.82 15.65
CA ASP C 100 13.16 12.45 15.04
C ASP C 100 12.72 13.35 13.89
N CYS C 101 11.75 12.89 13.11
CA CYS C 101 11.25 13.66 11.99
C CYS C 101 10.49 14.91 12.43
N GLU C 102 9.76 14.79 13.53
CA GLU C 102 9.00 15.91 14.05
C GLU C 102 9.98 17.00 14.48
N LEU C 103 11.13 16.56 14.97
CA LEU C 103 12.20 17.45 15.42
C LEU C 103 12.82 18.19 14.22
N ILE C 104 13.04 17.46 13.13
CA ILE C 104 13.59 18.01 11.91
C ILE C 104 12.68 19.12 11.39
N VAL C 105 11.37 18.86 11.44
CA VAL C 105 10.39 19.85 10.98
C VAL C 105 10.43 21.09 11.87
N LYS C 106 10.49 20.90 13.18
CA LYS C 106 10.56 22.05 14.08
C LYS C 106 11.79 22.89 13.78
N ALA C 107 12.88 22.24 13.40
CA ALA C 107 14.11 22.95 13.09
C ALA C 107 13.88 23.81 11.86
N MET C 108 13.16 23.29 10.86
CA MET C 108 12.89 24.05 9.66
C MET C 108 11.97 25.22 9.92
N GLN C 109 11.02 25.03 10.83
CA GLN C 109 10.08 26.09 11.16
C GLN C 109 10.79 27.22 11.92
N GLY C 110 11.67 26.84 12.85
CA GLY C 110 12.41 27.83 13.62
C GLY C 110 13.37 28.63 12.76
N LEU C 111 13.95 27.97 11.77
CA LEU C 111 14.87 28.62 10.87
C LEU C 111 14.20 29.80 10.17
N LEU C 112 12.90 29.68 9.90
CA LEU C 112 12.16 30.73 9.20
C LEU C 112 11.16 31.52 10.04
N LYS C 113 11.19 31.35 11.35
CA LYS C 113 10.26 32.08 12.21
C LYS C 113 10.53 33.58 12.19
N ASP C 114 9.47 34.37 12.20
CA ASP C 114 9.62 35.83 12.19
C ASP C 114 10.53 36.31 13.29
N GLY C 115 11.47 37.17 12.94
CA GLY C 115 12.39 37.71 13.92
C GLY C 115 13.76 37.06 13.93
N ASN C 116 13.86 35.84 13.43
CA ASN C 116 15.16 35.17 13.41
C ASN C 116 15.99 35.66 12.23
N PRO C 117 17.32 35.45 12.29
CA PRO C 117 18.30 35.86 11.28
C PRO C 117 17.97 35.64 9.79
N ILE C 118 17.90 34.39 9.34
CA ILE C 118 17.61 34.12 7.93
C ILE C 118 16.36 34.77 7.35
N PRO C 119 15.18 34.54 7.95
CA PRO C 119 13.98 35.17 7.38
C PRO C 119 14.04 36.70 7.38
N SER C 120 14.71 37.27 8.38
CA SER C 120 14.80 38.71 8.46
C SER C 120 15.74 39.31 7.42
N ALA C 121 16.81 38.58 7.10
CA ALA C 121 17.74 39.06 6.10
C ALA C 121 17.08 39.05 4.72
N ILE C 122 16.44 37.94 4.38
CA ILE C 122 15.75 37.79 3.11
C ILE C 122 14.69 38.88 2.92
N ALA C 123 13.89 39.10 3.96
CA ALA C 123 12.81 40.08 3.91
C ALA C 123 13.31 41.51 3.74
N ALA C 124 14.58 41.76 4.07
CA ALA C 124 15.12 43.10 3.96
C ALA C 124 16.15 43.24 2.85
N ASN C 125 16.13 42.33 1.88
CA ASN C 125 17.10 42.37 0.78
C ASN C 125 18.53 42.37 1.31
N SER C 126 18.76 41.72 2.43
CA SER C 126 20.10 41.72 3.02
C SER C 126 20.75 40.37 3.23
N GLY C 127 21.98 40.41 3.72
CA GLY C 127 22.72 39.22 4.02
C GLY C 127 22.94 39.24 5.52
N ILE C 128 23.95 38.53 6.01
CA ILE C 128 24.22 38.54 7.44
C ILE C 128 25.21 39.68 7.71
N TYR C 129 25.01 40.42 8.79
CA TYR C 129 25.89 41.54 9.13
C TYR C 129 25.96 41.76 10.64
#